data_6DTN
#
_entry.id   6DTN
#
_cell.length_a   73.166
_cell.length_b   73.166
_cell.length_c   82.361
_cell.angle_alpha   90.00
_cell.angle_beta   90.00
_cell.angle_gamma   120.00
#
_symmetry.space_group_name_H-M   'P 31 2 1'
#
loop_
_entity.id
_entity.type
_entity.pdbx_description
1 polymer 'N-terminal Xaa-Pro-Lys N-methyltransferase 1'
2 polymer '(6D6)PPKRIA(NH2), DC100-1'
3 water water
#
loop_
_entity_poly.entity_id
_entity_poly.type
_entity_poly.pdbx_seq_one_letter_code
_entity_poly.pdbx_strand_id
1 'polypeptide(L)'
;MGSSHHHHHHSSGLVPRGSTSEVIEDEKQFYSKAKTYWKQIPPTVDGMLGGYGHISSIDINSSRKFLQRFLREGPNKTGT
SCALDCGAGIGRITKRLLLPLFREVDMVDITEDFLVQAKTYLGEEGKRVRNYFCCGLQDFTPEPDSYDVIWIQWVIGHLT
DQHLAEFLRRCKGSLRPNGIIVIKDNMAQEGVILDDVDSSVCRDLDVVRRIICSAGLSLLAEERQENLPDEIYHVYSFAL
R
;
B
2 'polypeptide(L)' (6D6)PPKRIA(NH2) A
#
loop_
_chem_comp.id
_chem_comp.type
_chem_comp.name
_chem_comp.formula
6D6 non-polymer 5'-{[(3S)-3-amino-3-carboxypropyl](3-aminopropyl)amino}-5'-deoxyadenosine 'C17 H28 N8 O5'
NH2 non-polymer 'AMINO GROUP' 'H2 N'
#
# COMPACT_ATOMS: atom_id res chain seq x y z
N HIS A 9 5.18 -12.68 -19.67
CA HIS A 9 5.24 -11.37 -18.93
C HIS A 9 6.61 -11.24 -18.27
N HIS A 10 7.28 -10.11 -18.51
CA HIS A 10 8.59 -9.90 -17.91
C HIS A 10 8.45 -9.86 -16.38
N SER A 11 9.11 -10.80 -15.71
CA SER A 11 8.97 -10.93 -14.27
C SER A 11 9.49 -9.73 -13.49
N SER A 12 10.26 -8.84 -14.14
CA SER A 12 10.74 -7.63 -13.49
C SER A 12 9.71 -6.50 -13.50
N GLY A 13 8.62 -6.67 -14.26
CA GLY A 13 7.61 -5.61 -14.41
C GLY A 13 7.98 -4.47 -15.32
N LEU A 14 9.12 -4.56 -16.02
CA LEU A 14 9.59 -3.49 -16.89
C LEU A 14 8.49 -2.97 -17.80
N VAL A 15 8.40 -1.66 -17.92
CA VAL A 15 7.54 -0.98 -18.91
C VAL A 15 8.30 0.19 -19.42
N PRO A 16 7.96 0.70 -20.61
CA PRO A 16 8.56 1.96 -21.06
C PRO A 16 8.25 3.11 -20.11
N ARG A 17 9.15 4.09 -20.10
CA ARG A 17 8.98 5.27 -19.28
C ARG A 17 7.91 6.19 -19.86
N GLY A 18 7.10 6.76 -18.97
CA GLY A 18 6.09 7.70 -19.39
C GLY A 18 6.30 9.03 -18.72
N SER A 19 5.44 9.34 -17.75
CA SER A 19 5.47 10.60 -17.03
C SER A 19 6.30 10.48 -15.75
N THR A 20 6.63 11.63 -15.18
CA THR A 20 7.58 11.74 -14.08
C THR A 20 7.04 12.76 -13.11
N SER A 21 7.22 12.48 -11.82
CA SER A 21 7.05 13.52 -10.80
C SER A 21 8.33 14.34 -10.89
N GLU A 22 8.31 15.40 -11.70
CA GLU A 22 9.48 16.28 -11.79
C GLU A 22 9.74 17.01 -10.47
N VAL A 23 8.84 16.84 -9.49
CA VAL A 23 9.12 17.33 -8.15
C VAL A 23 10.17 16.48 -7.44
N ILE A 24 10.48 15.29 -7.96
CA ILE A 24 11.54 14.46 -7.38
C ILE A 24 12.84 14.79 -8.11
N GLU A 25 13.71 15.57 -7.47
CA GLU A 25 14.91 16.06 -8.13
C GLU A 25 16.01 15.01 -8.19
N ASP A 26 16.22 14.25 -7.11
CA ASP A 26 17.31 13.29 -7.00
C ASP A 26 16.69 12.01 -6.48
N GLU A 27 16.56 11.00 -7.35
CA GLU A 27 15.87 9.79 -6.96
C GLU A 27 16.58 9.06 -5.83
N LYS A 28 17.92 8.96 -5.88
CA LYS A 28 18.64 8.26 -4.84
C LYS A 28 18.38 8.87 -3.47
N GLN A 29 18.39 10.19 -3.40
CA GLN A 29 18.11 10.87 -2.13
C GLN A 29 16.65 10.73 -1.73
N PHE A 30 15.73 10.70 -2.69
CA PHE A 30 14.32 10.51 -2.38
C PHE A 30 14.11 9.21 -1.60
N TYR A 31 14.81 8.15 -2.01
CA TYR A 31 14.72 6.88 -1.32
C TYR A 31 15.54 6.85 -0.03
N SER A 32 16.78 7.38 -0.05
CA SER A 32 17.61 7.28 1.16
C SER A 32 17.04 8.13 2.30
N LYS A 33 16.49 9.29 1.98
CA LYS A 33 15.90 10.13 3.03
C LYS A 33 14.68 9.44 3.67
N ALA A 34 13.87 8.78 2.87
CA ALA A 34 12.72 8.07 3.42
C ALA A 34 13.16 6.90 4.30
N LYS A 35 14.17 6.16 3.87
CA LYS A 35 14.62 5.02 4.67
C LYS A 35 15.16 5.51 6.01
N THR A 36 15.94 6.58 5.99
CA THR A 36 16.44 7.19 7.23
C THR A 36 15.29 7.64 8.13
N TYR A 37 14.29 8.32 7.56
CA TYR A 37 13.15 8.79 8.34
C TYR A 37 12.48 7.63 9.07
N TRP A 38 12.11 6.59 8.36
CA TRP A 38 11.35 5.53 9.01
C TRP A 38 12.20 4.75 10.01
N LYS A 39 13.51 4.68 9.83
CA LYS A 39 14.35 3.95 10.76
C LYS A 39 14.36 4.55 12.17
N GLN A 40 13.99 5.82 12.32
CA GLN A 40 13.97 6.46 13.63
C GLN A 40 12.57 6.72 14.17
N ILE A 41 11.53 6.23 13.48
CA ILE A 41 10.15 6.43 13.93
C ILE A 41 9.80 5.33 14.94
N PRO A 42 9.09 5.64 16.02
CA PRO A 42 8.76 4.60 17.00
C PRO A 42 7.84 3.54 16.40
N PRO A 43 8.08 2.27 16.74
CA PRO A 43 7.30 1.15 16.14
C PRO A 43 5.95 0.98 16.85
N THR A 44 5.09 1.95 16.65
CA THR A 44 3.79 2.04 17.30
C THR A 44 2.75 2.50 16.29
N VAL A 45 1.47 2.32 16.64
CA VAL A 45 0.41 2.78 15.76
C VAL A 45 0.46 4.28 15.54
N ASP A 46 0.78 5.04 16.59
CA ASP A 46 0.96 6.48 16.40
C ASP A 46 2.08 6.77 15.42
N GLY A 47 3.16 5.99 15.48
CA GLY A 47 4.24 6.16 14.50
C GLY A 47 3.80 5.81 13.09
N MET A 48 2.95 4.79 12.96
CA MET A 48 2.49 4.41 11.63
C MET A 48 1.60 5.50 11.04
N LEU A 49 0.83 6.20 11.88
CA LEU A 49 -0.23 7.10 11.40
C LEU A 49 0.09 8.57 11.61
N GLY A 50 1.32 8.92 11.96
CA GLY A 50 1.71 10.33 12.04
C GLY A 50 0.78 11.17 12.87
N GLY A 51 0.43 10.70 14.06
CA GLY A 51 -0.48 11.44 14.91
C GLY A 51 -1.95 11.29 14.58
N TYR A 52 -2.32 10.45 13.62
CA TYR A 52 -3.71 10.18 13.30
C TYR A 52 -4.16 8.79 13.72
N GLY A 53 -3.58 8.28 14.82
CA GLY A 53 -4.04 7.01 15.35
C GLY A 53 -5.51 6.99 15.64
N HIS A 54 -6.12 8.15 15.96
CA HIS A 54 -7.53 8.20 16.23
C HIS A 54 -8.43 7.90 15.04
N ILE A 55 -7.91 7.84 13.81
CA ILE A 55 -8.74 7.46 12.68
C ILE A 55 -8.50 6.01 12.26
N SER A 56 -7.68 5.28 12.99
CA SER A 56 -7.33 3.93 12.56
C SER A 56 -8.56 3.06 12.40
N SER A 57 -9.46 3.08 13.39
CA SER A 57 -10.64 2.24 13.31
C SER A 57 -11.54 2.65 12.16
N ILE A 58 -11.75 3.94 11.96
CA ILE A 58 -12.55 4.41 10.85
C ILE A 58 -11.96 3.93 9.52
N ASP A 59 -10.64 4.06 9.37
CA ASP A 59 -9.93 3.56 8.19
C ASP A 59 -10.19 2.07 8.00
N ILE A 60 -9.93 1.27 9.01
CA ILE A 60 -10.07 -0.18 8.88
C ILE A 60 -11.51 -0.56 8.56
N ASN A 61 -12.48 0.05 9.22
CA ASN A 61 -13.88 -0.24 8.92
C ASN A 61 -14.21 -0.06 7.44
N SER A 62 -13.76 1.04 6.85
CA SER A 62 -14.06 1.30 5.45
C SER A 62 -13.34 0.31 4.54
N SER A 63 -12.09 0.03 4.84
CA SER A 63 -11.35 -0.98 4.08
C SER A 63 -12.04 -2.32 4.13
N ARG A 64 -12.56 -2.69 5.29
CA ARG A 64 -13.21 -3.99 5.41
C ARG A 64 -14.44 -4.06 4.52
N LYS A 65 -15.27 -3.00 4.57
CA LYS A 65 -16.46 -2.98 3.72
C LYS A 65 -16.08 -3.05 2.25
N PHE A 66 -15.04 -2.31 1.84
CA PHE A 66 -14.57 -2.29 0.46
C PHE A 66 -14.14 -3.66 0.00
N LEU A 67 -13.34 -4.35 0.82
CA LEU A 67 -12.81 -5.66 0.45
C LEU A 67 -13.88 -6.74 0.49
N GLN A 68 -14.78 -6.68 1.47
CA GLN A 68 -15.78 -7.74 1.60
C GLN A 68 -16.63 -7.86 0.34
N ARG A 69 -16.84 -6.78 -0.39
CA ARG A 69 -17.60 -6.86 -1.63
C ARG A 69 -16.98 -7.83 -2.61
N PHE A 70 -15.66 -7.91 -2.64
CA PHE A 70 -14.97 -8.77 -3.58
C PHE A 70 -14.90 -10.20 -3.08
N LEU A 71 -14.93 -10.38 -1.77
CA LEU A 71 -14.86 -11.72 -1.21
C LEU A 71 -16.21 -12.39 -1.16
N ARG A 72 -17.28 -11.61 -1.15
CA ARG A 72 -18.58 -12.15 -0.78
C ARG A 72 -19.58 -12.14 -1.93
N GLU A 73 -19.33 -11.33 -2.96
CA GLU A 73 -20.30 -11.11 -4.01
C GLU A 73 -19.68 -11.41 -5.37
N GLY A 74 -20.56 -11.68 -6.34
CA GLY A 74 -20.16 -11.90 -7.71
C GLY A 74 -19.98 -13.36 -8.02
N PRO A 75 -19.84 -13.67 -9.31
CA PRO A 75 -19.62 -15.08 -9.70
C PRO A 75 -18.18 -15.52 -9.59
N ASN A 76 -17.24 -14.59 -9.62
CA ASN A 76 -15.81 -14.91 -9.58
C ASN A 76 -15.24 -14.26 -8.32
N LYS A 77 -15.63 -14.80 -7.18
CA LYS A 77 -15.25 -14.22 -5.89
C LYS A 77 -13.75 -14.31 -5.69
N THR A 78 -13.19 -13.29 -5.07
CA THR A 78 -11.80 -13.31 -4.64
C THR A 78 -11.67 -14.29 -3.47
N GLY A 79 -10.60 -15.08 -3.49
CA GLY A 79 -10.38 -16.07 -2.45
C GLY A 79 -9.91 -15.46 -1.14
N THR A 80 -9.79 -16.34 -0.14
CA THR A 80 -9.45 -15.94 1.22
C THR A 80 -8.20 -16.66 1.74
N SER A 81 -7.41 -17.30 0.88
CA SER A 81 -6.29 -18.10 1.40
C SER A 81 -5.08 -17.26 1.80
N CYS A 82 -4.75 -16.21 1.05
CA CYS A 82 -3.50 -15.52 1.35
C CYS A 82 -3.54 -14.08 0.89
N ALA A 83 -3.05 -13.17 1.72
CA ALA A 83 -2.92 -11.77 1.35
C ALA A 83 -1.49 -11.31 1.61
N LEU A 84 -1.08 -10.26 0.88
CA LEU A 84 0.22 -9.62 1.05
C LEU A 84 -0.03 -8.19 1.48
N ASP A 85 0.57 -7.77 2.59
CA ASP A 85 0.47 -6.39 3.12
C ASP A 85 1.76 -5.64 2.78
N CYS A 86 1.65 -4.70 1.85
CA CYS A 86 2.81 -3.98 1.32
C CYS A 86 3.02 -2.66 2.04
N GLY A 87 4.24 -2.43 2.51
CA GLY A 87 4.46 -1.31 3.42
C GLY A 87 3.77 -1.53 4.73
N ALA A 88 3.86 -2.75 5.26
CA ALA A 88 2.98 -3.15 6.35
C ALA A 88 3.32 -2.51 7.68
N GLY A 89 4.54 -1.98 7.83
CA GLY A 89 4.96 -1.46 9.14
C GLY A 89 4.91 -2.53 10.21
N ILE A 90 4.37 -2.15 11.37
CA ILE A 90 4.25 -3.08 12.48
C ILE A 90 3.09 -4.03 12.32
N GLY A 91 2.28 -3.85 11.27
CA GLY A 91 1.15 -4.74 11.05
C GLY A 91 -0.20 -4.22 11.49
N ARG A 92 -0.40 -2.90 11.58
CA ARG A 92 -1.71 -2.36 11.90
C ARG A 92 -2.81 -2.94 11.00
N ILE A 93 -2.58 -2.94 9.70
CA ILE A 93 -3.59 -3.45 8.77
C ILE A 93 -3.64 -4.96 8.81
N THR A 94 -2.48 -5.62 8.88
CA THR A 94 -2.47 -7.07 8.95
C THR A 94 -3.27 -7.56 10.15
N LYS A 95 -3.12 -6.91 11.28
CA LYS A 95 -3.81 -7.36 12.50
C LYS A 95 -5.32 -7.18 12.40
N ARG A 96 -5.79 -6.00 12.00
CA ARG A 96 -7.21 -5.66 12.15
C ARG A 96 -8.01 -5.83 10.88
N LEU A 97 -7.38 -5.75 9.71
CA LEU A 97 -8.08 -5.98 8.45
C LEU A 97 -7.84 -7.37 7.86
N LEU A 98 -6.56 -7.74 7.66
CA LEU A 98 -6.25 -8.89 6.80
C LEU A 98 -6.34 -10.22 7.53
N LEU A 99 -5.69 -10.36 8.70
CA LEU A 99 -5.78 -11.65 9.40
C LEU A 99 -7.19 -12.11 9.69
N PRO A 100 -8.15 -11.24 9.99
CA PRO A 100 -9.53 -11.72 10.20
C PRO A 100 -10.21 -12.24 8.93
N LEU A 101 -9.68 -11.92 7.75
CA LEU A 101 -10.32 -12.24 6.49
C LEU A 101 -9.54 -13.24 5.64
N PHE A 102 -8.22 -13.37 5.86
CA PHE A 102 -7.39 -14.26 5.05
C PHE A 102 -6.68 -15.27 5.94
N ARG A 103 -6.56 -16.49 5.41
CA ARG A 103 -6.02 -17.56 6.24
C ARG A 103 -4.58 -17.28 6.63
N GLU A 104 -3.76 -16.81 5.69
CA GLU A 104 -2.40 -16.46 5.95
C GLU A 104 -2.11 -15.12 5.31
N VAL A 105 -1.13 -14.43 5.86
CA VAL A 105 -0.74 -13.09 5.42
C VAL A 105 0.78 -13.07 5.36
N ASP A 106 1.32 -12.51 4.31
CA ASP A 106 2.73 -12.12 4.22
C ASP A 106 2.81 -10.61 4.38
N MET A 107 3.92 -10.13 4.96
CA MET A 107 4.18 -8.70 5.12
C MET A 107 5.47 -8.34 4.41
N VAL A 108 5.52 -7.16 3.81
CA VAL A 108 6.76 -6.62 3.28
C VAL A 108 6.90 -5.17 3.71
N ASP A 109 8.10 -4.79 4.18
CA ASP A 109 8.35 -3.44 4.63
C ASP A 109 9.86 -3.21 4.57
N ILE A 110 10.26 -1.96 4.32
CA ILE A 110 11.68 -1.60 4.24
C ILE A 110 12.31 -1.49 5.62
N THR A 111 11.51 -1.27 6.67
CA THR A 111 12.07 -0.93 7.98
C THR A 111 12.16 -2.15 8.88
N GLU A 112 13.39 -2.62 9.10
CA GLU A 112 13.62 -3.78 9.93
C GLU A 112 12.96 -3.66 11.29
N ASP A 113 13.07 -2.49 11.91
CA ASP A 113 12.58 -2.33 13.28
C ASP A 113 11.07 -2.58 13.35
N PHE A 114 10.34 -2.28 12.25
CA PHE A 114 8.90 -2.50 12.28
C PHE A 114 8.54 -3.98 12.11
N LEU A 115 9.26 -4.71 11.26
CA LEU A 115 9.04 -6.16 11.13
C LEU A 115 9.33 -6.88 12.45
N VAL A 116 10.39 -6.48 13.16
CA VAL A 116 10.73 -7.06 14.45
C VAL A 116 9.63 -6.80 15.45
N GLN A 117 9.13 -5.55 15.53
CA GLN A 117 8.05 -5.22 16.45
C GLN A 117 6.75 -5.94 16.09
N ALA A 118 6.52 -6.17 14.80
CA ALA A 118 5.29 -6.81 14.35
C ALA A 118 5.06 -8.15 15.03
N LYS A 119 6.13 -8.90 15.32
CA LYS A 119 5.96 -10.16 16.01
C LYS A 119 5.27 -9.95 17.35
N THR A 120 5.61 -8.89 18.06
CA THR A 120 4.95 -8.60 19.34
C THR A 120 3.58 -8.00 19.14
N TYR A 121 3.50 -7.02 18.26
CA TYR A 121 2.27 -6.27 18.05
C TYR A 121 1.14 -7.19 17.61
N LEU A 122 1.43 -8.13 16.73
CA LEU A 122 0.37 -8.97 16.19
C LEU A 122 -0.15 -10.00 17.17
N GLY A 123 0.59 -10.32 18.21
CA GLY A 123 0.09 -11.28 19.20
C GLY A 123 -0.10 -12.67 18.63
N GLU A 124 -1.08 -13.38 19.18
CA GLU A 124 -1.21 -14.80 18.83
C GLU A 124 -1.62 -15.03 17.38
N GLU A 125 -2.51 -14.20 16.82
CA GLU A 125 -2.86 -14.39 15.41
C GLU A 125 -1.71 -14.11 14.47
N GLY A 126 -0.66 -13.44 14.95
CA GLY A 126 0.54 -13.28 14.15
C GLY A 126 1.21 -14.57 13.75
N LYS A 127 0.88 -15.68 14.43
CA LYS A 127 1.41 -16.96 13.99
C LYS A 127 0.89 -17.35 12.62
N ARG A 128 -0.14 -16.67 12.13
CA ARG A 128 -0.62 -16.90 10.76
C ARG A 128 0.07 -16.00 9.75
N VAL A 129 1.04 -15.18 10.16
CA VAL A 129 1.88 -14.47 9.19
C VAL A 129 2.98 -15.42 8.74
N ARG A 130 3.00 -15.73 7.44
CA ARG A 130 3.88 -16.75 6.90
C ARG A 130 5.29 -16.23 6.69
N ASN A 131 5.42 -15.07 6.04
CA ASN A 131 6.70 -14.46 5.73
C ASN A 131 6.71 -12.97 6.11
N TYR A 132 7.82 -12.54 6.67
CA TYR A 132 8.13 -11.13 6.95
C TYR A 132 9.28 -10.75 6.02
N PHE A 133 8.97 -10.13 4.90
CA PHE A 133 9.98 -9.76 3.93
C PHE A 133 10.47 -8.35 4.24
N CYS A 134 11.78 -8.17 4.27
CA CYS A 134 12.38 -6.85 4.47
C CYS A 134 12.95 -6.39 3.14
N CYS A 135 12.28 -5.46 2.48
CA CYS A 135 12.66 -5.04 1.14
C CYS A 135 11.93 -3.75 0.82
N GLY A 136 12.58 -2.89 0.04
CA GLY A 136 11.86 -1.80 -0.59
C GLY A 136 10.99 -2.35 -1.70
N LEU A 137 9.79 -1.77 -1.85
CA LEU A 137 8.89 -2.29 -2.87
C LEU A 137 9.51 -2.16 -4.25
N GLN A 138 10.32 -1.13 -4.47
CA GLN A 138 10.97 -0.94 -5.77
C GLN A 138 11.92 -2.06 -6.12
N ASP A 139 12.30 -2.87 -5.13
CA ASP A 139 13.19 -4.02 -5.32
C ASP A 139 12.52 -5.35 -5.07
N PHE A 140 11.23 -5.36 -4.75
CA PHE A 140 10.52 -6.55 -4.30
C PHE A 140 9.75 -7.20 -5.43
N THR A 141 9.88 -8.52 -5.55
CA THR A 141 9.10 -9.32 -6.49
C THR A 141 8.26 -10.33 -5.72
N PRO A 142 6.96 -10.10 -5.60
CA PRO A 142 6.09 -11.11 -5.00
C PRO A 142 6.07 -12.40 -5.80
N GLU A 143 5.88 -13.52 -5.10
CA GLU A 143 5.95 -14.81 -5.78
C GLU A 143 4.76 -14.99 -6.72
N PRO A 144 4.96 -15.56 -7.90
CA PRO A 144 3.83 -15.75 -8.80
C PRO A 144 2.73 -16.61 -8.20
N ASP A 145 1.49 -16.28 -8.57
CA ASP A 145 0.30 -17.07 -8.24
C ASP A 145 0.21 -17.40 -6.76
N SER A 146 0.36 -16.35 -5.92
CA SER A 146 0.48 -16.54 -4.49
C SER A 146 -0.56 -15.83 -3.65
N TYR A 147 -1.12 -14.71 -4.13
CA TYR A 147 -1.97 -13.92 -3.29
C TYR A 147 -3.35 -13.67 -3.86
N ASP A 148 -4.34 -13.78 -2.99
CA ASP A 148 -5.71 -13.40 -3.34
C ASP A 148 -5.89 -11.90 -3.27
N VAL A 149 -5.22 -11.24 -2.33
CA VAL A 149 -5.31 -9.79 -2.17
C VAL A 149 -3.92 -9.26 -1.88
N ILE A 150 -3.52 -8.23 -2.60
CA ILE A 150 -2.30 -7.48 -2.33
C ILE A 150 -2.73 -6.09 -1.92
N TRP A 151 -2.46 -5.72 -0.66
CA TRP A 151 -2.92 -4.49 -0.05
C TRP A 151 -1.76 -3.50 0.06
N ILE A 152 -1.91 -2.30 -0.50
CA ILE A 152 -0.82 -1.34 -0.61
C ILE A 152 -1.37 -0.04 -0.05
N GLN A 153 -1.07 0.27 1.20
CA GLN A 153 -1.69 1.41 1.86
C GLN A 153 -0.67 2.41 2.41
N TRP A 154 -0.84 3.67 2.02
CA TRP A 154 -0.03 4.78 2.48
C TRP A 154 1.47 4.57 2.22
N VAL A 155 1.79 3.97 1.07
CA VAL A 155 3.18 3.75 0.71
C VAL A 155 3.49 4.07 -0.74
N ILE A 156 2.46 4.21 -1.61
CA ILE A 156 2.75 4.49 -3.03
C ILE A 156 3.47 5.81 -3.20
N GLY A 157 3.29 6.77 -2.26
CA GLY A 157 4.00 8.03 -2.31
C GLY A 157 5.49 7.89 -2.10
N HIS A 158 5.94 6.73 -1.63
CA HIS A 158 7.36 6.49 -1.45
C HIS A 158 8.04 5.90 -2.66
N LEU A 159 7.31 5.66 -3.75
CA LEU A 159 7.92 5.13 -4.97
C LEU A 159 7.87 6.18 -6.06
N THR A 160 8.90 6.18 -6.91
CA THR A 160 8.83 7.03 -8.11
C THR A 160 7.67 6.54 -9.01
N ASP A 161 7.24 7.39 -9.95
CA ASP A 161 6.17 6.98 -10.84
C ASP A 161 6.54 5.71 -11.57
N GLN A 162 7.77 5.63 -12.07
CA GLN A 162 8.18 4.45 -12.83
C GLN A 162 8.23 3.20 -11.96
N HIS A 163 8.79 3.32 -10.75
CA HIS A 163 8.86 2.16 -9.88
C HIS A 163 7.50 1.71 -9.42
N LEU A 164 6.57 2.65 -9.22
CA LEU A 164 5.20 2.27 -8.87
C LEU A 164 4.57 1.42 -9.98
N ALA A 165 4.67 1.88 -11.22
CA ALA A 165 4.12 1.11 -12.33
C ALA A 165 4.72 -0.28 -12.40
N GLU A 166 6.06 -0.37 -12.33
CA GLU A 166 6.71 -1.67 -12.44
C GLU A 166 6.35 -2.57 -11.28
N PHE A 167 6.26 -2.01 -10.06
CA PHE A 167 5.83 -2.82 -8.92
C PHE A 167 4.43 -3.38 -9.11
N LEU A 168 3.50 -2.54 -9.57
CA LEU A 168 2.15 -3.04 -9.79
C LEU A 168 2.13 -4.13 -10.86
N ARG A 169 2.96 -4.01 -11.90
CA ARG A 169 3.05 -5.08 -12.89
C ARG A 169 3.56 -6.35 -12.27
N ARG A 170 4.56 -6.28 -11.39
CA ARG A 170 5.01 -7.49 -10.70
C ARG A 170 3.90 -8.06 -9.82
N CYS A 171 3.16 -7.20 -9.15
CA CYS A 171 2.03 -7.63 -8.34
C CYS A 171 1.02 -8.41 -9.16
N LYS A 172 0.68 -7.91 -10.35
CA LYS A 172 -0.29 -8.58 -11.21
C LYS A 172 0.09 -10.03 -11.43
N GLY A 173 1.37 -10.31 -11.63
CA GLY A 173 1.82 -11.66 -11.84
C GLY A 173 1.82 -12.52 -10.59
N SER A 174 1.59 -11.92 -9.44
CA SER A 174 1.54 -12.59 -8.16
C SER A 174 0.12 -12.96 -7.72
N LEU A 175 -0.90 -12.55 -8.47
CA LEU A 175 -2.26 -12.78 -8.03
C LEU A 175 -2.73 -14.17 -8.40
N ARG A 176 -3.47 -14.79 -7.48
CA ARG A 176 -4.21 -16.01 -7.76
C ARG A 176 -5.44 -15.69 -8.63
N PRO A 177 -6.07 -16.72 -9.20
CA PRO A 177 -7.28 -16.45 -9.98
C PRO A 177 -8.30 -15.65 -9.18
N ASN A 178 -8.85 -14.62 -9.82
CA ASN A 178 -9.82 -13.72 -9.23
C ASN A 178 -9.21 -12.77 -8.20
N GLY A 179 -7.89 -12.80 -8.03
CA GLY A 179 -7.27 -11.92 -7.04
C GLY A 179 -7.34 -10.46 -7.45
N ILE A 180 -7.13 -9.58 -6.45
CA ILE A 180 -7.10 -8.14 -6.67
C ILE A 180 -5.93 -7.49 -5.94
N ILE A 181 -5.47 -6.37 -6.49
CA ILE A 181 -4.61 -5.42 -5.79
C ILE A 181 -5.45 -4.26 -5.30
N VAL A 182 -5.22 -3.81 -4.08
CA VAL A 182 -5.87 -2.62 -3.54
C VAL A 182 -4.80 -1.58 -3.19
N ILE A 183 -4.98 -0.36 -3.73
CA ILE A 183 -4.21 0.79 -3.33
C ILE A 183 -5.13 1.69 -2.53
N LYS A 184 -4.68 2.11 -1.33
CA LYS A 184 -5.40 3.07 -0.50
C LYS A 184 -4.39 4.13 -0.10
N ASP A 185 -4.63 5.38 -0.49
CA ASP A 185 -3.61 6.39 -0.23
C ASP A 185 -4.18 7.79 -0.26
N ASN A 186 -3.33 8.73 0.16
CA ASN A 186 -3.63 10.15 0.08
C ASN A 186 -3.60 10.61 -1.37
N MET A 187 -4.51 11.51 -1.72
CA MET A 187 -4.60 12.14 -3.03
C MET A 187 -4.46 13.64 -2.86
N ALA A 188 -3.59 14.22 -3.66
CA ALA A 188 -3.37 15.66 -3.65
C ALA A 188 -4.55 16.36 -4.33
N GLN A 189 -4.81 17.60 -3.91
CA GLN A 189 -5.87 18.40 -4.56
C GLN A 189 -5.56 18.64 -6.04
N GLU A 190 -4.29 18.74 -6.42
CA GLU A 190 -3.88 18.92 -7.80
C GLU A 190 -2.39 18.65 -7.94
N GLY A 191 -2.00 18.04 -9.06
CA GLY A 191 -0.61 17.83 -9.37
C GLY A 191 0.03 16.84 -8.41
N VAL A 192 1.32 17.05 -8.15
CA VAL A 192 2.12 16.18 -7.30
C VAL A 192 2.85 17.04 -6.27
N ILE A 193 2.75 16.66 -5.00
CA ILE A 193 3.22 17.47 -3.88
C ILE A 193 4.24 16.64 -3.09
N LEU A 194 5.47 17.17 -2.94
CA LEU A 194 6.52 16.49 -2.20
C LEU A 194 6.46 16.87 -0.73
N ASP A 195 6.50 15.87 0.17
CA ASP A 195 6.65 16.09 1.61
C ASP A 195 8.13 15.88 1.95
N ASP A 196 8.86 16.96 2.26
CA ASP A 196 10.30 16.80 2.45
C ASP A 196 10.66 16.33 3.85
N VAL A 197 9.68 16.13 4.71
CA VAL A 197 9.96 15.55 6.02
C VAL A 197 10.14 14.03 5.92
N ASP A 198 9.14 13.34 5.38
CA ASP A 198 9.28 11.90 5.24
C ASP A 198 9.77 11.45 3.87
N SER A 199 9.98 12.38 2.94
CA SER A 199 10.44 12.06 1.57
C SER A 199 9.45 11.14 0.85
N SER A 200 8.25 11.69 0.63
CA SER A 200 7.20 11.02 -0.12
C SER A 200 6.44 12.05 -0.93
N VAL A 201 5.69 11.59 -1.93
CA VAL A 201 4.86 12.47 -2.73
C VAL A 201 3.41 12.10 -2.55
N CYS A 202 2.54 13.10 -2.71
CA CYS A 202 1.10 12.95 -2.80
C CYS A 202 0.75 13.32 -4.24
N ARG A 203 -0.04 12.49 -4.92
CA ARG A 203 -0.41 12.71 -6.31
C ARG A 203 -1.91 12.89 -6.45
N ASP A 204 -2.35 13.68 -7.44
CA ASP A 204 -3.79 13.82 -7.61
C ASP A 204 -4.41 12.60 -8.28
N LEU A 205 -5.74 12.52 -8.17
CA LEU A 205 -6.49 11.36 -8.66
C LEU A 205 -6.19 11.05 -10.11
N ASP A 206 -6.24 12.06 -10.97
CA ASP A 206 -6.01 11.82 -12.38
C ASP A 206 -4.60 11.28 -12.63
N VAL A 207 -3.61 11.77 -11.89
CA VAL A 207 -2.25 11.25 -12.05
C VAL A 207 -2.18 9.79 -11.67
N VAL A 208 -2.78 9.43 -10.52
CA VAL A 208 -2.73 8.04 -10.06
C VAL A 208 -3.46 7.13 -11.03
N ARG A 209 -4.65 7.53 -11.49
CA ARG A 209 -5.38 6.67 -12.42
C ARG A 209 -4.57 6.45 -13.68
N ARG A 210 -3.90 7.48 -14.16
CA ARG A 210 -3.08 7.36 -15.36
C ARG A 210 -1.90 6.41 -15.15
N ILE A 211 -1.25 6.47 -13.96
CA ILE A 211 -0.15 5.54 -13.71
C ILE A 211 -0.64 4.10 -13.76
N ILE A 212 -1.75 3.82 -13.06
CA ILE A 212 -2.31 2.48 -13.03
C ILE A 212 -2.67 2.00 -14.43
N CYS A 213 -3.45 2.81 -15.15
CA CYS A 213 -4.01 2.34 -16.40
C CYS A 213 -2.91 2.26 -17.45
N SER A 214 -1.98 3.21 -17.42
CA SER A 214 -0.87 3.18 -18.39
C SER A 214 0.13 2.07 -18.08
N ALA A 215 0.14 1.54 -16.85
CA ALA A 215 0.92 0.36 -16.55
C ALA A 215 0.29 -0.93 -17.04
N GLY A 216 -0.95 -0.89 -17.54
CA GLY A 216 -1.60 -2.09 -18.00
C GLY A 216 -2.40 -2.81 -16.93
N LEU A 217 -2.73 -2.13 -15.83
CA LEU A 217 -3.62 -2.69 -14.83
C LEU A 217 -5.05 -2.21 -15.12
N SER A 218 -6.02 -3.07 -14.82
CA SER A 218 -7.44 -2.77 -15.02
C SER A 218 -8.00 -2.24 -13.70
N LEU A 219 -8.59 -1.06 -13.72
CA LEU A 219 -9.19 -0.45 -12.54
C LEU A 219 -10.61 -0.99 -12.43
N LEU A 220 -10.89 -1.67 -11.32
CA LEU A 220 -12.17 -2.31 -11.05
C LEU A 220 -13.11 -1.44 -10.21
N ALA A 221 -12.56 -0.69 -9.26
CA ALA A 221 -13.38 0.06 -8.31
C ALA A 221 -12.56 1.23 -7.80
N GLU A 222 -13.27 2.30 -7.42
CA GLU A 222 -12.64 3.50 -6.88
C GLU A 222 -13.60 4.12 -5.87
N GLU A 223 -13.11 4.44 -4.67
CA GLU A 223 -13.97 4.97 -3.63
C GLU A 223 -13.21 5.93 -2.74
N ARG A 224 -13.79 7.11 -2.54
CA ARG A 224 -13.26 8.08 -1.60
C ARG A 224 -13.66 7.71 -0.18
N GLN A 225 -12.71 7.81 0.75
CA GLN A 225 -12.97 7.55 2.15
C GLN A 225 -13.75 8.71 2.75
N GLU A 226 -14.87 8.41 3.40
CA GLU A 226 -15.68 9.44 4.00
C GLU A 226 -15.30 9.57 5.48
N ASN A 227 -15.77 10.66 6.06
CA ASN A 227 -15.74 10.90 7.50
C ASN A 227 -14.36 11.17 8.06
N LEU A 228 -13.41 11.56 7.21
CA LEU A 228 -12.09 11.88 7.70
C LEU A 228 -12.03 13.30 8.24
N PRO A 229 -11.04 13.59 9.07
CA PRO A 229 -10.81 14.96 9.53
C PRO A 229 -10.70 15.93 8.36
N ASP A 230 -11.25 17.15 8.56
CA ASP A 230 -11.30 18.16 7.50
C ASP A 230 -9.91 18.53 7.01
N GLU A 231 -8.92 18.45 7.89
CA GLU A 231 -7.64 19.09 7.61
C GLU A 231 -6.68 18.24 6.78
N ILE A 232 -7.01 16.98 6.51
CA ILE A 232 -6.06 16.08 5.84
C ILE A 232 -6.43 15.90 4.37
N TYR A 233 -5.46 15.43 3.59
CA TYR A 233 -5.72 15.08 2.19
C TYR A 233 -6.81 14.03 2.10
N HIS A 234 -7.60 14.11 1.02
CA HIS A 234 -8.52 13.05 0.71
C HIS A 234 -7.78 11.71 0.56
N VAL A 235 -8.47 10.65 0.94
CA VAL A 235 -7.95 9.29 0.86
C VAL A 235 -8.88 8.52 -0.07
N TYR A 236 -8.28 7.78 -1.00
CA TYR A 236 -9.06 6.97 -1.91
C TYR A 236 -8.57 5.53 -1.89
N SER A 237 -9.50 4.63 -2.20
CA SER A 237 -9.19 3.22 -2.43
C SER A 237 -9.46 2.85 -3.88
N PHE A 238 -8.53 2.09 -4.47
CA PHE A 238 -8.69 1.55 -5.80
C PHE A 238 -8.52 0.04 -5.74
N ALA A 239 -9.36 -0.71 -6.48
CA ALA A 239 -9.16 -2.12 -6.71
C ALA A 239 -8.77 -2.30 -8.16
N LEU A 240 -7.77 -3.16 -8.38
CA LEU A 240 -7.20 -3.32 -9.73
C LEU A 240 -6.73 -4.76 -9.92
N ARG A 241 -6.61 -5.17 -11.17
CA ARG A 241 -6.00 -6.47 -11.42
C ARG A 241 -5.38 -6.54 -12.80
C1 6D6 B 1 2.69 7.09 6.75
C2 6D6 B 1 2.25 5.60 6.51
C3 6D6 B 1 2.98 4.66 7.50
C4 6D6 B 1 2.28 2.57 6.38
C5 6D6 B 1 0.94 0.65 7.10
C6 6D6 B 1 4.39 3.57 5.73
C7 6D6 B 1 6.31 2.19 6.82
C8 6D6 B 1 8.51 3.42 3.30
C9 6D6 B 1 9.06 2.08 1.66
N2 6D6 B 1 3.42 3.39 6.82
C10 6D6 B 1 2.19 1.46 7.48
N3 6D6 B 1 0.77 0.65 5.68
C11 6D6 B 1 -0.30 1.30 7.79
O1 6D6 B 1 -1.19 1.89 7.10
O2 6D6 B 1 -0.43 1.16 9.04
C12 6D6 B 1 5.27 2.30 5.68
O3 6D6 B 1 5.96 2.38 4.51
C13 6D6 B 1 7.37 1.72 4.80
C14 6D6 B 1 7.63 2.29 6.02
O4 6D6 B 1 8.64 1.50 6.69
O5 6D6 B 1 6.22 1.02 7.54
N4 6D6 B 1 8.08 2.18 3.62
N5 6D6 B 1 9.12 3.36 2.11
C15 6D6 B 1 9.51 1.42 0.53
N6 6D6 B 1 10.20 2.02 -0.52
N7 6D6 B 1 9.29 0.11 0.37
C16 6D6 B 1 8.67 -0.60 1.32
N8 6D6 B 1 8.21 0.00 2.46
C17 6D6 B 1 8.42 1.35 2.62
H1 6D6 B 1 3.58 7.17 6.36
H2 6D6 B 1 2.75 7.25 7.71
H3 6D6 B 1 1.29 5.53 6.64
H4 6D6 B 1 2.48 5.34 5.60
H5 6D6 B 1 2.37 4.44 8.22
H6 6D6 B 1 3.76 5.11 7.85
H7 6D6 B 1 2.45 2.18 5.51
H8 6D6 B 1 1.47 3.10 6.35
H9 6D6 B 1 1.03 -0.27 7.39
H10 6D6 B 1 4.95 4.35 5.89
H11 6D6 B 1 3.92 3.69 4.88
H12 6D6 B 1 6.21 2.92 7.48
H13 6D6 B 1 8.40 4.18 3.82
H18 6D6 B 1 2.98 0.89 7.47
H19 6D6 B 1 2.09 1.85 8.36
H20 6D6 B 1 0.44 1.43 5.40
H21 6D6 B 1 1.56 0.52 5.29
H24 6D6 B 1 4.73 1.49 5.77
H25 6D6 B 1 7.52 0.78 4.94
H26 6D6 B 1 7.88 3.22 5.91
H27 6D6 B 1 9.35 1.97 6.78
H28 6D6 B 1 5.48 1.00 7.96
H29 6D6 B 1 9.98 2.81 -0.79
H30 6D6 B 1 10.84 1.60 -0.91
H31 6D6 B 1 8.54 -1.51 1.21
N PRO B 2 1.70 8.09 6.52
CA PRO B 2 0.40 8.29 7.18
C PRO B 2 -0.56 9.19 6.40
N PRO B 3 -1.81 9.29 6.83
CA PRO B 3 -2.63 10.44 6.43
C PRO B 3 -1.90 11.69 6.90
N LYS B 4 -2.14 12.81 6.20
CA LYS B 4 -1.43 13.99 6.64
C LYS B 4 -2.18 15.28 6.30
N ARG B 5 -1.82 16.32 7.04
CA ARG B 5 -2.42 17.63 6.87
C ARG B 5 -2.11 18.22 5.50
N ILE B 6 -3.14 18.77 4.88
CA ILE B 6 -3.00 19.52 3.63
C ILE B 6 -1.97 20.62 3.84
N ALA B 7 -0.90 20.58 3.05
CA ALA B 7 0.22 21.49 3.25
C ALA B 7 -0.12 22.86 2.63
N NH2 B 8 0.31 23.92 3.30
HN1 NH2 B 8 0.13 24.85 2.95
HN2 NH2 B 8 0.82 23.80 4.18
#